data_7HGX
#
_entry.id   7HGX
#
_cell.length_a   41.410
_cell.length_b   42.030
_cell.length_c   158.320
_cell.angle_alpha   90.00
_cell.angle_beta   90.00
_cell.angle_gamma   90.00
#
_symmetry.space_group_name_H-M   'P 21 21 21'
#
loop_
_entity.id
_entity.type
_entity.pdbx_description
1 polymer 'Hepatoma-derived growth factor-related protein 2'
2 non-polymer 'SULFATE ION'
3 non-polymer 1,2-ETHANEDIOL
4 non-polymer (2R)-1-(2-methyl-1H-imidazol-1-yl)propan-2-ol
5 water water
#
_entity_poly.entity_id   1
_entity_poly.type   'polypeptide(L)'
_entity_poly.pdbx_seq_one_letter_code
;GMPHAFKPGDLVFAKMKGYPHWPARIDDIADGAVKPPPNKYPIFFFGTHETAFLGPKDLFPYDKSKDKYGKPNKRKGFNE
GLWEIQNNPHASYS
;
_entity_poly.pdbx_strand_id   A,B,C
#
loop_
_chem_comp.id
_chem_comp.type
_chem_comp.name
_chem_comp.formula
A1A31 non-polymer (2R)-1-(2-methyl-1H-imidazol-1-yl)propan-2-ol 'C7 H12 N2 O'
EDO non-polymer 1,2-ETHANEDIOL 'C2 H6 O2'
SO4 non-polymer 'SULFATE ION' 'O4 S -2'
#
# COMPACT_ATOMS: atom_id res chain seq x y z
N MET A 2 -1.74 -24.18 -14.63
CA MET A 2 -1.31 -23.27 -15.73
C MET A 2 -1.65 -21.82 -15.38
N PRO A 3 -0.81 -20.84 -15.79
CA PRO A 3 -1.03 -19.43 -15.48
C PRO A 3 -2.37 -18.82 -15.90
N HIS A 4 -2.86 -17.89 -15.10
CA HIS A 4 -4.00 -17.09 -15.49
C HIS A 4 -3.43 -15.74 -15.92
N ALA A 5 -4.31 -14.82 -16.30
CA ALA A 5 -3.92 -13.44 -16.48
C ALA A 5 -3.58 -12.84 -15.11
N PHE A 6 -2.79 -11.75 -15.12
CA PHE A 6 -2.51 -11.00 -13.90
C PHE A 6 -3.80 -10.42 -13.30
N LYS A 7 -3.88 -10.40 -11.95
CA LYS A 7 -5.02 -9.81 -11.27
C LYS A 7 -4.51 -9.00 -10.07
N PRO A 8 -5.32 -8.05 -9.55
CA PRO A 8 -4.91 -7.25 -8.41
C PRO A 8 -4.53 -8.21 -7.28
N GLY A 9 -3.46 -7.85 -6.54
CA GLY A 9 -2.97 -8.67 -5.45
C GLY A 9 -1.82 -9.58 -5.86
N ASP A 10 -1.65 -9.84 -7.18
CA ASP A 10 -0.50 -10.64 -7.54
C ASP A 10 0.83 -9.94 -7.23
N LEU A 11 1.82 -10.74 -6.80
CA LEU A 11 3.13 -10.18 -6.39
C LEU A 11 4.11 -10.45 -7.52
N VAL A 12 4.97 -9.45 -7.77
CA VAL A 12 5.88 -9.54 -8.92
C VAL A 12 7.21 -8.87 -8.60
N PHE A 13 8.22 -9.14 -9.46
CA PHE A 13 9.25 -8.13 -9.67
C PHE A 13 8.95 -7.41 -10.98
N ALA A 14 8.93 -6.07 -10.95
CA ALA A 14 8.55 -5.25 -12.08
C ALA A 14 9.80 -4.55 -12.62
N LYS A 15 9.95 -4.57 -13.94
CA LYS A 15 11.16 -3.96 -14.54
C LYS A 15 10.79 -2.64 -15.21
N MET A 16 11.58 -1.61 -14.88
CA MET A 16 11.55 -0.32 -15.55
C MET A 16 12.97 -0.05 -16.05
N LYS A 17 13.03 0.63 -17.20
CA LYS A 17 14.28 1.10 -17.79
C LYS A 17 15.14 1.74 -16.70
N GLY A 18 16.38 1.28 -16.59
CA GLY A 18 17.30 1.97 -15.71
C GLY A 18 17.21 1.56 -14.26
N TYR A 19 16.28 0.64 -13.90
CA TYR A 19 16.20 0.17 -12.53
C TYR A 19 16.33 -1.35 -12.49
N PRO A 20 16.80 -1.94 -11.37
CA PRO A 20 16.83 -3.40 -11.22
C PRO A 20 15.36 -3.86 -11.12
N HIS A 21 15.13 -5.13 -11.44
CA HIS A 21 13.82 -5.76 -11.24
C HIS A 21 13.39 -5.50 -9.80
N TRP A 22 12.16 -4.97 -9.58
CA TRP A 22 11.86 -4.29 -8.32
C TRP A 22 10.66 -4.99 -7.67
N PRO A 23 10.68 -5.30 -6.34
CA PRO A 23 9.53 -5.95 -5.70
C PRO A 23 8.30 -5.05 -5.81
N ALA A 24 7.18 -5.65 -6.24
CA ALA A 24 5.99 -4.86 -6.56
C ALA A 24 4.72 -5.72 -6.46
N ARG A 25 3.56 -5.04 -6.51
CA ARG A 25 2.30 -5.75 -6.62
C ARG A 25 1.42 -5.14 -7.73
N ILE A 26 0.51 -5.97 -8.27
CA ILE A 26 -0.55 -5.40 -9.09
C ILE A 26 -1.59 -4.80 -8.15
N ASP A 27 -1.87 -3.52 -8.32
CA ASP A 27 -2.79 -2.85 -7.40
C ASP A 27 -4.21 -2.89 -7.95
N ASP A 28 -5.18 -2.70 -7.02
CA ASP A 28 -6.55 -2.40 -7.39
C ASP A 28 -6.60 -0.93 -7.81
N ILE A 29 -7.65 -0.57 -8.52
CA ILE A 29 -7.94 0.84 -8.80
C ILE A 29 -9.10 1.19 -7.89
N ALA A 30 -8.94 2.21 -7.04
CA ALA A 30 -10.00 2.58 -6.11
C ALA A 30 -11.16 3.19 -6.92
N ASP A 31 -12.37 3.01 -6.38
CA ASP A 31 -13.48 3.73 -6.98
C ASP A 31 -13.12 5.20 -7.02
N GLY A 32 -13.37 5.85 -8.16
CA GLY A 32 -13.15 7.27 -8.33
C GLY A 32 -11.71 7.61 -8.73
N ALA A 33 -10.81 6.61 -8.76
CA ALA A 33 -9.39 6.86 -9.04
C ALA A 33 -9.10 6.77 -10.54
N VAL A 34 -7.95 7.33 -10.94
CA VAL A 34 -7.48 7.29 -12.31
C VAL A 34 -7.14 5.86 -12.75
N LYS A 35 -7.75 5.44 -13.87
CA LYS A 35 -7.55 4.14 -14.49
C LYS A 35 -6.25 4.17 -15.30
N PRO A 36 -5.59 3.00 -15.45
CA PRO A 36 -4.40 2.88 -16.31
C PRO A 36 -4.83 2.95 -17.76
N PRO A 37 -3.89 3.16 -18.70
CA PRO A 37 -4.20 2.95 -20.12
C PRO A 37 -4.57 1.51 -20.43
N PRO A 38 -5.20 1.25 -21.61
CA PRO A 38 -5.42 -0.10 -22.10
C PRO A 38 -4.16 -0.97 -22.15
N ASN A 39 -4.36 -2.24 -21.82
CA ASN A 39 -3.36 -3.27 -21.71
C ASN A 39 -2.26 -2.92 -20.70
N LYS A 40 -2.49 -1.95 -19.79
CA LYS A 40 -1.53 -1.69 -18.72
C LYS A 40 -2.17 -1.94 -17.34
N TYR A 41 -1.35 -2.34 -16.36
CA TYR A 41 -1.77 -2.61 -15.00
C TYR A 41 -1.18 -1.56 -14.08
N PRO A 42 -1.87 -1.19 -12.98
CA PRO A 42 -1.27 -0.27 -12.00
C PRO A 42 -0.30 -1.04 -11.12
N ILE A 43 0.97 -0.67 -11.17
CA ILE A 43 2.00 -1.41 -10.41
C ILE A 43 2.38 -0.58 -9.21
N PHE A 44 2.23 -1.15 -8.01
CA PHE A 44 2.70 -0.48 -6.81
C PHE A 44 4.06 -1.05 -6.41
N PHE A 45 5.09 -0.19 -6.39
CA PHE A 45 6.45 -0.59 -6.07
C PHE A 45 6.62 -0.54 -4.56
N PHE A 46 6.96 -1.68 -3.96
CA PHE A 46 7.27 -1.68 -2.53
C PHE A 46 8.52 -0.84 -2.26
N GLY A 47 8.60 -0.31 -1.03
CA GLY A 47 9.77 0.44 -0.64
C GLY A 47 9.67 1.91 -1.05
N THR A 48 9.63 2.18 -2.37
CA THR A 48 9.44 3.54 -2.84
C THR A 48 7.99 3.97 -2.67
N HIS A 49 7.06 3.00 -2.73
CA HIS A 49 5.61 3.25 -2.67
C HIS A 49 5.12 4.08 -3.85
N GLU A 50 5.82 4.00 -5.00
CA GLU A 50 5.43 4.71 -6.21
C GLU A 50 4.55 3.79 -7.06
N THR A 51 3.73 4.39 -7.93
CA THR A 51 2.91 3.62 -8.87
C THR A 51 3.40 3.95 -10.28
N ALA A 52 3.50 2.92 -11.14
CA ALA A 52 3.63 3.15 -12.57
C ALA A 52 2.71 2.19 -13.31
N PHE A 53 2.49 2.45 -14.61
CA PHE A 53 1.64 1.58 -15.41
C PHE A 53 2.52 0.73 -16.30
N LEU A 54 2.37 -0.60 -16.19
CA LEU A 54 3.24 -1.49 -16.94
C LEU A 54 2.42 -2.60 -17.58
N GLY A 55 2.96 -3.14 -18.69
CA GLY A 55 2.34 -4.32 -19.29
C GLY A 55 3.07 -5.59 -18.87
N PRO A 56 2.48 -6.78 -19.16
CA PRO A 56 3.04 -8.06 -18.72
C PRO A 56 4.49 -8.34 -19.08
N LYS A 57 4.97 -7.75 -20.19
CA LYS A 57 6.38 -8.01 -20.53
C LYS A 57 7.40 -7.54 -19.49
N ASP A 58 6.97 -6.65 -18.59
CA ASP A 58 7.81 -6.13 -17.55
C ASP A 58 7.47 -6.73 -16.17
N LEU A 59 6.62 -7.77 -16.13
CA LEU A 59 6.11 -8.28 -14.85
C LEU A 59 6.54 -9.74 -14.68
N PHE A 60 7.38 -10.00 -13.67
CA PHE A 60 7.91 -11.33 -13.38
C PHE A 60 7.32 -11.90 -12.09
N PRO A 61 6.51 -12.97 -12.16
CA PRO A 61 5.86 -13.49 -10.94
C PRO A 61 6.86 -13.76 -9.82
N TYR A 62 6.50 -13.30 -8.59
CA TYR A 62 7.42 -13.25 -7.47
C TYR A 62 7.96 -14.62 -7.07
N ASP A 63 7.08 -15.64 -6.98
CA ASP A 63 7.53 -16.95 -6.48
C ASP A 63 8.62 -17.54 -7.39
N LYS A 64 8.38 -17.50 -8.71
CA LYS A 64 9.32 -18.00 -9.70
C LYS A 64 10.64 -17.21 -9.71
N SER A 65 10.58 -15.89 -9.43
CA SER A 65 11.71 -14.98 -9.68
C SER A 65 12.52 -14.58 -8.45
N LYS A 66 12.07 -14.96 -7.23
CA LYS A 66 12.68 -14.37 -6.04
C LYS A 66 14.13 -14.83 -5.81
N ASP A 67 14.47 -16.04 -6.26
N ASP A 67 14.46 -16.04 -6.23
CA ASP A 67 15.83 -16.55 -6.10
CA ASP A 67 15.85 -16.49 -6.10
C ASP A 67 16.81 -15.75 -6.96
C ASP A 67 16.77 -15.54 -6.86
N LYS A 68 16.33 -15.13 -8.05
CA LYS A 68 17.18 -14.36 -8.94
C LYS A 68 17.22 -12.89 -8.52
N TYR A 69 16.07 -12.33 -8.13
CA TYR A 69 15.96 -10.89 -8.10
C TYR A 69 15.80 -10.38 -6.66
N GLY A 70 15.60 -11.27 -5.69
CA GLY A 70 15.27 -10.87 -4.33
C GLY A 70 16.52 -10.83 -3.45
N LYS A 71 17.49 -10.00 -3.85
CA LYS A 71 18.73 -9.84 -3.11
C LYS A 71 18.90 -8.35 -2.83
N PRO A 72 19.56 -7.94 -1.72
CA PRO A 72 19.74 -6.52 -1.42
C PRO A 72 20.40 -5.72 -2.54
N ASN A 73 19.99 -4.46 -2.64
CA ASN A 73 20.39 -3.58 -3.71
C ASN A 73 20.65 -2.21 -3.07
N LYS A 74 21.64 -1.50 -3.62
CA LYS A 74 22.04 -0.22 -3.09
C LYS A 74 20.91 0.80 -3.23
N ARG A 75 19.99 0.57 -4.17
CA ARG A 75 19.06 1.59 -4.64
C ARG A 75 18.06 1.99 -3.53
N LYS A 76 17.68 3.27 -3.54
CA LYS A 76 16.85 3.84 -2.49
C LYS A 76 15.52 3.08 -2.43
N GLY A 77 15.21 2.54 -1.25
CA GLY A 77 13.88 1.98 -1.11
C GLY A 77 13.85 0.49 -1.43
N PHE A 78 14.89 -0.03 -2.06
CA PHE A 78 14.83 -1.42 -2.50
C PHE A 78 14.71 -2.41 -1.34
N ASN A 79 15.53 -2.24 -0.29
CA ASN A 79 15.63 -3.28 0.72
C ASN A 79 14.40 -3.22 1.63
N GLU A 80 13.86 -2.00 1.81
CA GLU A 80 12.57 -1.84 2.46
C GLU A 80 11.54 -2.60 1.65
N GLY A 81 11.67 -2.48 0.32
CA GLY A 81 10.75 -3.15 -0.60
C GLY A 81 10.78 -4.68 -0.46
N LEU A 82 12.00 -5.23 -0.30
CA LEU A 82 12.15 -6.66 -0.09
C LEU A 82 11.41 -7.08 1.17
N TRP A 83 11.50 -6.25 2.23
CA TRP A 83 10.85 -6.63 3.48
C TRP A 83 9.33 -6.65 3.28
N GLU A 84 8.83 -5.63 2.59
CA GLU A 84 7.38 -5.49 2.44
C GLU A 84 6.81 -6.67 1.66
N ILE A 85 7.47 -7.04 0.57
CA ILE A 85 6.88 -8.06 -0.30
C ILE A 85 6.85 -9.41 0.43
N GLN A 86 7.88 -9.68 1.27
CA GLN A 86 8.00 -10.93 2.00
C GLN A 86 7.11 -10.99 3.24
N ASN A 87 6.93 -9.83 3.90
CA ASN A 87 6.35 -9.80 5.25
C ASN A 87 4.96 -9.22 5.34
N ASN A 88 4.61 -8.24 4.48
CA ASN A 88 3.22 -7.76 4.50
C ASN A 88 2.83 -7.18 3.14
N PRO A 89 2.78 -8.05 2.11
CA PRO A 89 2.66 -7.58 0.74
C PRO A 89 1.28 -7.02 0.40
N HIS A 90 0.27 -7.24 1.26
CA HIS A 90 -1.09 -6.80 0.92
C HIS A 90 -1.60 -5.70 1.87
N ALA A 91 -0.65 -5.08 2.61
CA ALA A 91 -1.07 -4.03 3.54
C ALA A 91 -1.34 -2.72 2.80
N SER A 92 -1.97 -1.79 3.55
CA SER A 92 -2.07 -0.40 3.15
C SER A 92 -0.73 0.31 3.40
N TYR A 93 -0.16 0.92 2.35
CA TYR A 93 1.07 1.66 2.47
C TYR A 93 0.82 3.14 2.13
N SER A 94 -0.46 3.52 2.07
CA SER A 94 -0.89 4.91 1.90
C SER A 94 -0.12 5.83 2.87
N MET B 2 -40.33 17.68 6.45
CA MET B 2 -40.52 19.01 5.80
C MET B 2 -39.83 18.98 4.43
N PRO B 3 -40.50 19.46 3.35
CA PRO B 3 -39.84 19.62 2.06
C PRO B 3 -38.58 20.47 2.27
N HIS B 4 -37.49 20.10 1.58
CA HIS B 4 -36.24 20.84 1.64
C HIS B 4 -35.90 21.34 0.24
N ALA B 5 -34.85 22.18 0.13
CA ALA B 5 -34.50 22.72 -1.17
C ALA B 5 -34.27 21.57 -2.13
N PHE B 6 -33.50 20.58 -1.67
CA PHE B 6 -33.29 19.33 -2.38
C PHE B 6 -34.16 18.23 -1.78
N LYS B 7 -34.77 17.42 -2.63
CA LYS B 7 -35.64 16.36 -2.12
C LYS B 7 -35.19 15.01 -2.67
N PRO B 8 -35.54 13.89 -2.01
CA PRO B 8 -35.15 12.57 -2.51
C PRO B 8 -35.53 12.36 -3.97
N GLY B 9 -34.56 11.83 -4.76
CA GLY B 9 -34.71 11.60 -6.18
C GLY B 9 -34.17 12.73 -7.04
N ASP B 10 -33.83 13.88 -6.43
CA ASP B 10 -33.25 14.99 -7.18
C ASP B 10 -31.87 14.55 -7.71
N LEU B 11 -31.57 14.92 -8.95
CA LEU B 11 -30.32 14.46 -9.55
C LEU B 11 -29.34 15.62 -9.50
N VAL B 12 -28.05 15.31 -9.28
CA VAL B 12 -27.09 16.40 -9.11
C VAL B 12 -25.75 15.90 -9.64
N PHE B 13 -24.80 16.83 -9.77
CA PHE B 13 -23.39 16.48 -9.67
C PHE B 13 -22.98 16.87 -8.25
N ALA B 14 -22.21 15.98 -7.58
CA ALA B 14 -21.80 16.19 -6.21
C ALA B 14 -20.27 16.25 -6.15
N LYS B 15 -19.73 17.24 -5.42
CA LYS B 15 -18.28 17.49 -5.44
C LYS B 15 -17.64 17.09 -4.11
N MET B 16 -16.63 16.22 -4.22
CA MET B 16 -15.81 15.75 -3.11
C MET B 16 -14.36 16.12 -3.41
N LYS B 17 -13.64 16.55 -2.37
CA LYS B 17 -12.23 16.85 -2.54
C LYS B 17 -11.51 15.64 -3.16
N GLY B 18 -10.76 15.90 -4.23
CA GLY B 18 -10.00 14.87 -4.91
C GLY B 18 -10.70 14.27 -6.12
N TYR B 19 -11.97 14.67 -6.39
CA TYR B 19 -12.71 14.00 -7.44
C TYR B 19 -13.37 15.06 -8.30
N PRO B 20 -13.64 14.77 -9.58
CA PRO B 20 -14.44 15.65 -10.43
C PRO B 20 -15.88 15.66 -9.93
N HIS B 21 -16.59 16.77 -10.22
CA HIS B 21 -18.03 16.81 -9.97
C HIS B 21 -18.69 15.53 -10.48
N TRP B 22 -19.47 14.85 -9.63
CA TRP B 22 -19.71 13.42 -9.90
C TRP B 22 -21.22 13.20 -10.06
N PRO B 23 -21.73 12.49 -11.10
CA PRO B 23 -23.20 12.27 -11.21
C PRO B 23 -23.73 11.55 -9.96
N ALA B 24 -24.82 12.04 -9.37
CA ALA B 24 -25.27 11.52 -8.10
C ALA B 24 -26.77 11.84 -7.91
N ARG B 25 -27.34 11.29 -6.84
CA ARG B 25 -28.72 11.57 -6.43
C ARG B 25 -28.81 11.83 -4.94
N ILE B 26 -29.86 12.57 -4.57
CA ILE B 26 -30.28 12.69 -3.19
C ILE B 26 -31.07 11.42 -2.86
N ASP B 27 -30.69 10.77 -1.76
CA ASP B 27 -31.42 9.60 -1.31
C ASP B 27 -32.32 9.99 -0.14
N ASP B 28 -33.24 9.09 0.23
N ASP B 28 -33.25 9.09 0.24
CA ASP B 28 -34.12 9.22 1.39
CA ASP B 28 -34.13 9.27 1.39
C ASP B 28 -33.33 8.77 2.62
C ASP B 28 -33.45 8.67 2.62
N ILE B 29 -33.72 9.24 3.80
CA ILE B 29 -33.04 8.88 5.04
C ILE B 29 -33.49 7.49 5.51
N VAL B 34 -27.93 5.65 10.56
CA VAL B 34 -27.44 7.03 10.76
C VAL B 34 -28.59 8.00 10.44
N LYS B 35 -28.32 9.30 10.61
CA LYS B 35 -29.05 10.38 9.95
C LYS B 35 -28.01 11.39 9.43
N PRO B 36 -28.28 12.16 8.33
CA PRO B 36 -27.34 13.17 7.88
C PRO B 36 -27.12 14.21 8.97
N PRO B 37 -25.88 14.68 9.19
CA PRO B 37 -25.64 15.80 10.10
C PRO B 37 -26.52 16.96 9.64
N PRO B 38 -26.68 18.01 10.48
CA PRO B 38 -27.48 19.19 10.08
C PRO B 38 -26.97 19.87 8.80
N ASN B 39 -27.91 20.23 7.93
CA ASN B 39 -27.67 20.98 6.71
C ASN B 39 -27.17 20.07 5.57
N LYS B 40 -27.05 18.76 5.81
CA LYS B 40 -26.44 17.88 4.81
C LYS B 40 -27.47 16.87 4.32
N TYR B 41 -27.19 16.29 3.15
CA TYR B 41 -28.10 15.31 2.57
C TYR B 41 -27.34 14.01 2.34
N PRO B 42 -28.03 12.85 2.35
CA PRO B 42 -27.42 11.59 1.94
C PRO B 42 -27.31 11.58 0.42
N ILE B 43 -26.07 11.45 -0.05
CA ILE B 43 -25.79 11.38 -1.47
C ILE B 43 -25.43 9.95 -1.90
N PHE B 44 -25.98 9.53 -3.04
CA PHE B 44 -25.64 8.29 -3.73
C PHE B 44 -24.93 8.62 -5.03
N PHE B 45 -23.69 8.12 -5.13
CA PHE B 45 -22.90 8.38 -6.31
C PHE B 45 -23.09 7.28 -7.33
N PHE B 46 -23.51 7.67 -8.53
CA PHE B 46 -23.69 6.73 -9.62
C PHE B 46 -22.33 6.13 -10.03
N GLY B 47 -22.38 4.93 -10.60
CA GLY B 47 -21.19 4.27 -11.13
C GLY B 47 -20.45 3.54 -10.01
N THR B 48 -19.94 4.30 -9.04
CA THR B 48 -19.25 3.74 -7.90
C THR B 48 -20.23 3.10 -6.92
N HIS B 49 -21.44 3.65 -6.83
CA HIS B 49 -22.47 3.25 -5.87
C HIS B 49 -22.07 3.51 -4.42
N GLU B 50 -21.15 4.44 -4.19
CA GLU B 50 -20.78 4.87 -2.85
C GLU B 50 -21.73 5.96 -2.38
N THR B 51 -21.69 6.24 -1.07
CA THR B 51 -22.54 7.24 -0.40
C THR B 51 -21.66 8.15 0.45
N ALA B 52 -22.11 9.39 0.64
CA ALA B 52 -21.49 10.33 1.55
C ALA B 52 -22.56 11.34 1.96
N PHE B 53 -22.27 12.15 2.97
CA PHE B 53 -23.15 13.24 3.33
C PHE B 53 -22.52 14.55 2.84
N LEU B 54 -23.30 15.33 2.09
CA LEU B 54 -22.74 16.57 1.56
C LEU B 54 -23.76 17.69 1.75
N GLY B 55 -23.24 18.91 1.77
CA GLY B 55 -24.08 20.09 1.92
C GLY B 55 -24.29 20.77 0.58
N PRO B 56 -25.24 21.72 0.49
CA PRO B 56 -25.58 22.36 -0.78
C PRO B 56 -24.44 22.99 -1.58
N LYS B 57 -23.37 23.48 -0.92
CA LYS B 57 -22.30 24.17 -1.64
C LYS B 57 -21.64 23.20 -2.62
N ASP B 58 -21.81 21.90 -2.34
CA ASP B 58 -21.16 20.85 -3.13
C ASP B 58 -22.17 20.10 -3.99
N LEU B 59 -23.40 20.64 -4.10
CA LEU B 59 -24.45 19.97 -4.86
C LEU B 59 -24.93 20.87 -5.99
N PHE B 60 -24.82 20.36 -7.21
CA PHE B 60 -25.08 21.11 -8.42
C PHE B 60 -26.23 20.44 -9.14
N PRO B 61 -27.43 21.08 -9.15
CA PRO B 61 -28.56 20.51 -9.90
C PRO B 61 -28.19 20.01 -11.30
N TYR B 62 -28.60 18.77 -11.63
CA TYR B 62 -28.07 18.09 -12.81
C TYR B 62 -28.42 18.73 -14.15
N ASP B 63 -29.70 19.11 -14.29
CA ASP B 63 -30.20 19.82 -15.46
C ASP B 63 -29.38 21.07 -15.78
N LYS B 64 -29.17 21.93 -14.78
CA LYS B 64 -28.42 23.16 -14.96
C LYS B 64 -26.99 22.88 -15.41
N SER B 65 -26.38 21.80 -14.90
CA SER B 65 -24.92 21.71 -14.90
C SER B 65 -24.37 20.59 -15.79
N LYS B 66 -25.26 19.83 -16.45
CA LYS B 66 -24.84 18.64 -17.18
C LYS B 66 -23.90 18.96 -18.33
N ASP B 67 -24.03 20.11 -19.00
CA ASP B 67 -23.13 20.26 -20.13
C ASP B 67 -21.74 20.66 -19.64
N LYS B 68 -21.65 21.24 -18.44
CA LYS B 68 -20.37 21.61 -17.87
C LYS B 68 -19.68 20.39 -17.26
N TYR B 69 -20.43 19.57 -16.50
CA TYR B 69 -19.79 18.53 -15.70
C TYR B 69 -19.95 17.14 -16.31
N GLY B 70 -20.86 17.00 -17.27
CA GLY B 70 -21.27 15.68 -17.73
C GLY B 70 -20.39 15.08 -18.82
N LYS B 71 -19.08 15.35 -18.80
CA LYS B 71 -18.21 14.83 -19.84
C LYS B 71 -17.46 13.60 -19.32
N PRO B 72 -17.29 12.55 -20.16
CA PRO B 72 -16.54 11.36 -19.74
C PRO B 72 -15.10 11.69 -19.32
N ASN B 73 -14.57 10.89 -18.40
CA ASN B 73 -13.19 11.04 -17.96
C ASN B 73 -12.64 9.64 -17.65
N LYS B 74 -11.41 9.61 -17.16
CA LYS B 74 -10.76 8.31 -16.93
C LYS B 74 -10.81 7.86 -15.46
N ARG B 75 -11.67 8.50 -14.64
CA ARG B 75 -11.87 8.05 -13.27
C ARG B 75 -12.76 6.79 -13.27
N LYS B 76 -12.35 5.77 -12.49
CA LYS B 76 -13.09 4.53 -12.34
C LYS B 76 -14.50 4.81 -11.83
N GLY B 77 -15.49 4.36 -12.61
CA GLY B 77 -16.90 4.48 -12.21
C GLY B 77 -17.58 5.67 -12.88
N PHE B 78 -16.81 6.64 -13.42
CA PHE B 78 -17.46 7.87 -13.89
C PHE B 78 -18.36 7.64 -15.10
N ASN B 79 -17.84 6.99 -16.15
CA ASN B 79 -18.62 6.82 -17.36
C ASN B 79 -19.84 5.94 -17.11
N GLU B 80 -19.70 4.96 -16.23
CA GLU B 80 -20.83 4.12 -15.81
C GLU B 80 -21.86 4.99 -15.08
N GLY B 81 -21.37 5.90 -14.22
CA GLY B 81 -22.22 6.83 -13.47
C GLY B 81 -23.00 7.73 -14.43
N LEU B 82 -22.33 8.19 -15.50
CA LEU B 82 -23.00 8.96 -16.55
C LEU B 82 -24.13 8.16 -17.19
N TRP B 83 -23.88 6.88 -17.50
CA TRP B 83 -24.92 6.00 -18.04
C TRP B 83 -26.09 5.89 -17.06
N GLU B 84 -25.80 5.71 -15.77
CA GLU B 84 -26.82 5.46 -14.76
C GLU B 84 -27.74 6.68 -14.60
N ILE B 85 -27.14 7.88 -14.59
CA ILE B 85 -27.94 9.05 -14.24
C ILE B 85 -28.87 9.40 -15.40
N GLN B 86 -28.45 9.02 -16.63
CA GLN B 86 -29.18 9.30 -17.85
C GLN B 86 -30.23 8.21 -18.09
N ASN B 87 -29.94 6.96 -17.73
CA ASN B 87 -30.77 5.86 -18.23
C ASN B 87 -31.64 5.22 -17.16
N ASN B 88 -31.25 5.30 -15.88
CA ASN B 88 -32.02 4.66 -14.81
C ASN B 88 -31.65 5.28 -13.47
N PRO B 89 -31.82 6.61 -13.31
CA PRO B 89 -31.39 7.30 -12.11
C PRO B 89 -32.07 6.90 -10.81
N HIS B 90 -33.28 6.30 -10.93
CA HIS B 90 -34.04 6.02 -9.71
C HIS B 90 -34.09 4.53 -9.38
N ALA B 91 -33.17 3.76 -9.97
CA ALA B 91 -33.16 2.31 -9.73
C ALA B 91 -32.50 1.98 -8.39
N SER B 92 -32.73 0.72 -7.96
CA SER B 92 -32.03 0.10 -6.85
C SER B 92 -30.68 -0.43 -7.37
N TYR B 93 -29.58 0.06 -6.78
CA TYR B 93 -28.21 -0.32 -7.10
C TYR B 93 -27.64 -1.06 -5.88
N SER B 94 -28.54 -1.41 -4.96
CA SER B 94 -28.31 -2.28 -3.82
C SER B 94 -27.65 -3.60 -4.24
N HIS C 4 18.02 -16.38 30.61
CA HIS C 4 17.86 -16.86 29.21
C HIS C 4 19.22 -17.32 28.68
N ALA C 5 19.21 -18.01 27.54
CA ALA C 5 20.39 -18.63 26.97
C ALA C 5 20.70 -18.03 25.61
N PHE C 6 21.98 -17.71 25.39
CA PHE C 6 22.43 -17.28 24.07
C PHE C 6 23.74 -17.99 23.76
N LYS C 7 23.78 -18.71 22.64
CA LYS C 7 25.01 -19.35 22.18
C LYS C 7 25.41 -18.72 20.85
N PRO C 8 26.70 -18.77 20.43
CA PRO C 8 27.09 -18.17 19.14
C PRO C 8 26.19 -18.67 18.00
N GLY C 9 25.69 -17.74 17.18
CA GLY C 9 24.84 -18.09 16.05
C GLY C 9 23.34 -17.84 16.32
N ASP C 10 22.93 -17.70 17.59
CA ASP C 10 21.55 -17.41 17.96
C ASP C 10 21.09 -16.02 17.50
N LEU C 11 19.90 -15.94 16.88
CA LEU C 11 19.44 -14.72 16.24
C LEU C 11 18.67 -13.84 17.24
N VAL C 12 18.92 -12.51 17.24
CA VAL C 12 18.34 -11.63 18.23
C VAL C 12 18.03 -10.26 17.61
N PHE C 13 17.23 -9.45 18.32
CA PHE C 13 17.33 -7.99 18.22
C PHE C 13 18.19 -7.45 19.37
N ALA C 14 19.13 -6.56 19.04
CA ALA C 14 20.10 -6.05 20.00
C ALA C 14 19.91 -4.53 20.13
N LYS C 15 19.79 -4.05 21.38
CA LYS C 15 19.53 -2.64 21.59
C LYS C 15 20.78 -1.96 22.15
N MET C 16 21.27 -0.93 21.45
CA MET C 16 22.35 -0.07 21.90
C MET C 16 21.80 1.36 22.00
N LYS C 17 22.35 2.13 22.95
CA LYS C 17 21.92 3.52 23.10
C LYS C 17 22.22 4.24 21.79
N GLY C 18 21.19 4.94 21.30
CA GLY C 18 21.33 5.80 20.14
C GLY C 18 20.90 5.10 18.85
N TYR C 19 20.37 3.85 18.98
CA TYR C 19 20.00 3.02 17.82
C TYR C 19 18.72 2.26 18.12
N PRO C 20 17.87 1.99 17.10
CA PRO C 20 16.68 1.15 17.31
C PRO C 20 17.12 -0.29 17.58
N HIS C 21 16.17 -1.08 18.08
CA HIS C 21 16.43 -2.50 18.25
C HIS C 21 16.84 -3.08 16.90
N TRP C 22 17.99 -3.76 16.87
CA TRP C 22 18.66 -3.99 15.58
C TRP C 22 18.81 -5.49 15.32
N PRO C 23 18.58 -6.00 14.07
CA PRO C 23 18.77 -7.42 13.81
C PRO C 23 20.25 -7.80 13.95
N ALA C 24 20.50 -8.89 14.66
CA ALA C 24 21.86 -9.27 15.06
C ALA C 24 21.92 -10.75 15.38
N ARG C 25 23.16 -11.24 15.58
CA ARG C 25 23.33 -12.57 16.15
C ARG C 25 24.42 -12.53 17.22
N ILE C 26 24.41 -13.56 18.05
CA ILE C 26 25.47 -13.81 19.01
C ILE C 26 26.66 -14.43 18.27
N ASP C 27 27.86 -13.92 18.59
CA ASP C 27 29.09 -14.49 18.09
C ASP C 27 29.69 -15.50 19.07
N LYS C 35 38.58 -11.09 25.83
CA LYS C 35 37.43 -11.60 26.64
C LYS C 35 36.42 -10.45 26.79
N PRO C 36 35.09 -10.74 26.73
CA PRO C 36 34.08 -9.69 26.90
C PRO C 36 34.26 -9.03 28.26
N PRO C 37 33.77 -7.78 28.46
CA PRO C 37 33.53 -7.31 29.83
C PRO C 37 32.67 -8.37 30.53
N PRO C 38 32.72 -8.44 31.88
CA PRO C 38 31.90 -9.40 32.63
C PRO C 38 30.44 -9.34 32.24
N ASN C 39 29.88 -10.53 31.94
CA ASN C 39 28.47 -10.74 31.68
C ASN C 39 28.03 -10.06 30.38
N LYS C 40 28.96 -9.92 29.42
CA LYS C 40 28.64 -9.36 28.11
C LYS C 40 28.79 -10.40 27.00
N TYR C 41 27.92 -10.30 25.99
CA TYR C 41 27.99 -11.17 24.82
C TYR C 41 28.58 -10.41 23.63
N PRO C 42 29.36 -11.09 22.75
CA PRO C 42 29.83 -10.51 21.50
C PRO C 42 28.66 -10.59 20.52
N ILE C 43 28.29 -9.42 19.99
CA ILE C 43 27.15 -9.33 19.07
C ILE C 43 27.65 -8.95 17.69
N PHE C 44 27.10 -9.60 16.63
CA PHE C 44 27.32 -9.16 15.27
C PHE C 44 26.01 -8.56 14.76
N PHE C 45 26.08 -7.33 14.24
CA PHE C 45 24.93 -6.62 13.73
C PHE C 45 24.77 -6.91 12.23
N PHE C 46 23.55 -7.36 11.85
CA PHE C 46 23.26 -7.49 10.42
C PHE C 46 23.18 -6.12 9.73
N GLY C 47 23.49 -6.10 8.42
CA GLY C 47 23.39 -4.88 7.62
C GLY C 47 24.64 -4.02 7.71
N THR C 48 24.93 -3.52 8.93
CA THR C 48 26.17 -2.77 9.16
C THR C 48 27.36 -3.72 9.28
N HIS C 49 27.13 -4.98 9.69
CA HIS C 49 28.19 -5.96 9.95
C HIS C 49 29.20 -5.45 10.99
N GLU C 50 28.75 -4.65 11.95
CA GLU C 50 29.60 -4.20 13.06
C GLU C 50 29.46 -5.14 14.25
N THR C 51 30.36 -4.97 15.23
CA THR C 51 30.31 -5.83 16.41
C THR C 51 30.32 -4.95 17.67
N ALA C 52 29.76 -5.49 18.73
CA ALA C 52 29.83 -4.83 20.03
C ALA C 52 29.60 -5.88 21.11
N PHE C 53 29.89 -5.52 22.37
CA PHE C 53 29.54 -6.38 23.48
C PHE C 53 28.31 -5.81 24.15
N LEU C 54 27.34 -6.68 24.46
CA LEU C 54 26.13 -6.20 25.10
C LEU C 54 25.73 -7.20 26.18
N GLY C 55 25.01 -6.72 27.20
CA GLY C 55 24.45 -7.58 28.23
C GLY C 55 23.10 -8.16 27.84
N PRO C 56 22.69 -9.24 28.53
CA PRO C 56 21.50 -9.99 28.14
C PRO C 56 20.22 -9.15 28.17
N LYS C 57 20.23 -8.08 28.97
CA LYS C 57 19.12 -7.15 29.11
C LYS C 57 18.83 -6.49 27.77
N ASP C 58 19.86 -6.43 26.91
CA ASP C 58 19.81 -5.61 25.70
C ASP C 58 19.48 -6.48 24.50
N LEU C 59 19.10 -7.75 24.75
CA LEU C 59 19.01 -8.75 23.72
C LEU C 59 17.63 -9.41 23.78
N PHE C 60 17.05 -9.68 22.60
CA PHE C 60 15.71 -10.25 22.44
C PHE C 60 15.71 -11.36 21.39
N PRO C 61 15.26 -12.62 21.67
CA PRO C 61 15.31 -13.68 20.65
C PRO C 61 14.51 -13.24 19.42
N TYR C 62 15.09 -13.50 18.23
CA TYR C 62 14.56 -13.07 16.95
C TYR C 62 13.11 -13.52 16.79
N ASP C 63 12.83 -14.81 17.07
CA ASP C 63 11.52 -15.38 16.81
C ASP C 63 10.44 -14.79 17.71
N LYS C 64 10.71 -14.71 19.01
CA LYS C 64 9.78 -14.15 19.99
C LYS C 64 9.47 -12.68 19.71
N SER C 65 10.42 -11.92 19.14
CA SER C 65 10.27 -10.46 19.19
C SER C 65 10.17 -9.81 17.80
N LYS C 66 10.29 -10.59 16.72
CA LYS C 66 10.30 -10.01 15.39
C LYS C 66 8.99 -9.31 15.04
N ASP C 67 7.86 -9.77 15.58
CA ASP C 67 6.58 -9.10 15.34
C ASP C 67 6.66 -7.65 15.83
N LYS C 68 7.44 -7.42 16.89
CA LYS C 68 7.58 -6.09 17.46
C LYS C 68 8.72 -5.24 16.82
N TYR C 69 9.90 -5.82 16.58
CA TYR C 69 11.05 -5.01 16.18
C TYR C 69 11.41 -5.22 14.71
N GLY C 70 10.85 -6.27 14.10
CA GLY C 70 11.23 -6.56 12.73
C GLY C 70 10.31 -5.82 11.76
N LYS C 71 10.60 -4.54 11.62
CA LYS C 71 9.82 -3.70 10.72
C LYS C 71 10.83 -2.67 10.21
N PRO C 72 10.69 -2.20 8.96
CA PRO C 72 11.72 -1.33 8.38
C PRO C 72 11.93 -0.03 9.16
N ASN C 73 13.11 0.54 8.94
CA ASN C 73 13.28 1.93 9.32
C ASN C 73 14.42 2.45 8.47
N LYS C 74 14.62 3.77 8.52
CA LYS C 74 15.50 4.38 7.53
C LYS C 74 16.93 4.46 8.03
N ARG C 75 17.24 3.87 9.19
CA ARG C 75 18.62 3.98 9.67
C ARG C 75 19.53 3.17 8.76
N LYS C 76 20.76 3.69 8.59
CA LYS C 76 21.74 3.14 7.68
C LYS C 76 21.99 1.65 7.92
N GLY C 77 21.69 0.85 6.90
CA GLY C 77 22.04 -0.56 6.99
C GLY C 77 20.91 -1.40 7.55
N PHE C 78 19.84 -0.77 8.08
CA PHE C 78 18.88 -1.48 8.88
C PHE C 78 18.12 -2.48 7.98
N ASN C 79 17.62 -1.99 6.86
CA ASN C 79 16.72 -2.82 6.06
C ASN C 79 17.48 -3.97 5.43
N GLU C 80 18.72 -3.71 5.00
CA GLU C 80 19.57 -4.79 4.55
C GLU C 80 19.77 -5.79 5.69
N GLY C 81 19.92 -5.30 6.94
CA GLY C 81 20.02 -6.22 8.08
C GLY C 81 18.78 -7.10 8.24
N LEU C 82 17.61 -6.51 8.02
CA LEU C 82 16.39 -7.31 8.12
C LEU C 82 16.39 -8.39 7.05
N TRP C 83 16.93 -8.07 5.87
CA TRP C 83 16.93 -9.09 4.82
C TRP C 83 17.88 -10.23 5.18
N GLU C 84 19.04 -9.88 5.76
CA GLU C 84 20.01 -10.90 6.12
C GLU C 84 19.50 -11.83 7.23
N ILE C 85 18.84 -11.27 8.26
CA ILE C 85 18.42 -12.07 9.40
C ILE C 85 17.38 -13.13 9.00
N GLN C 86 16.52 -12.77 8.05
CA GLN C 86 15.46 -13.64 7.54
C GLN C 86 15.97 -14.63 6.50
N ASN C 87 16.91 -14.19 5.66
CA ASN C 87 17.23 -14.86 4.40
C ASN C 87 18.64 -15.44 4.33
N ASN C 88 19.60 -14.96 5.14
CA ASN C 88 20.98 -15.44 5.05
C ASN C 88 21.71 -15.18 6.37
N PRO C 89 21.19 -15.69 7.51
CA PRO C 89 21.67 -15.28 8.82
C PRO C 89 23.03 -15.81 9.25
N HIS C 90 23.61 -16.72 8.45
CA HIS C 90 24.85 -17.38 8.83
C HIS C 90 25.94 -17.24 7.77
N ALA C 91 25.71 -16.40 6.74
CA ALA C 91 26.81 -16.01 5.86
C ALA C 91 27.91 -15.32 6.68
N SER C 92 29.08 -15.06 6.06
CA SER C 92 30.29 -14.69 6.76
C SER C 92 30.43 -13.18 6.94
N TYR C 93 29.99 -12.42 5.92
CA TYR C 93 29.98 -10.96 5.91
C TYR C 93 31.35 -10.42 6.40
S SO4 D . 19.24 6.03 -5.91
O1 SO4 D . 18.79 7.29 -5.40
O2 SO4 D . 18.15 5.33 -6.55
O3 SO4 D . 20.29 6.26 -6.88
O4 SO4 D . 19.77 5.22 -4.84
S SO4 E . 18.60 -1.30 -17.58
O1 SO4 E . 17.50 -0.56 -18.16
O2 SO4 E . 18.41 -2.71 -17.81
O3 SO4 E . 19.83 -0.86 -18.19
O4 SO4 E . 18.66 -1.06 -16.17
C1 EDO F . -0.76 1.47 -1.21
O1 EDO F . -1.55 0.80 -0.20
C2 EDO F . -1.45 1.66 -2.53
O2 EDO F . -1.76 0.44 -3.17
S SO4 G . 16.20 0.78 1.72
O1 SO4 G . 14.80 0.65 1.85
O2 SO4 G . 16.54 2.15 1.37
O3 SO4 G . 16.83 0.44 2.99
O4 SO4 G . 16.69 -0.09 0.67
S SO4 H . -16.17 3.04 -15.91
O1 SO4 H . -17.27 3.71 -15.25
O2 SO4 H . -15.80 3.77 -17.09
O3 SO4 H . -14.97 2.95 -15.08
O4 SO4 H . -16.66 1.70 -16.25
S SO4 I . -9.84 19.05 -6.16
O1 SO4 I . -10.38 18.75 -4.86
O2 SO4 I . -9.44 20.43 -6.19
O3 SO4 I . -8.71 18.19 -6.39
O4 SO4 I . -10.83 18.82 -7.20
N1 A1A31 J . -16.78 8.47 -1.04
C4 A1A31 J . -18.08 8.48 -1.49
C5 A1A31 J . -16.06 8.92 -2.05
C6 A1A31 J . -14.59 9.11 -2.05
O A1A31 J . -17.61 7.59 -5.20
C1 A1A31 J . -17.24 8.92 -5.56
C A1A31 J . -16.48 8.89 -6.85
C2 A1A31 J . -16.42 9.60 -4.47
N A1A31 J . -16.86 9.20 -3.13
C3 A1A31 J . -18.15 8.93 -2.76
S SO4 K . 16.92 5.19 24.37
O1 SO4 K . 15.65 4.90 24.97
O2 SO4 K . 16.79 5.23 22.93
O3 SO4 K . 17.38 6.47 24.83
O4 SO4 K . 17.88 4.17 24.73
N1 A1A31 L . 29.02 -0.11 16.80
C4 A1A31 L . 28.71 -1.44 16.95
C5 A1A31 L . 27.90 0.47 16.37
C6 A1A31 L . 27.75 1.91 16.05
O A1A31 L . 25.96 -1.45 13.81
C1 A1A31 L . 24.98 -1.19 14.81
C A1A31 L . 23.77 -0.64 14.13
C2 A1A31 L . 25.50 -0.20 15.84
N A1A31 L . 26.88 -0.44 16.26
C3 A1A31 L . 27.40 -1.67 16.62
#